data_5OP5
#
_entry.id   5OP5
#
_cell.length_a   44.940
_cell.length_b   65.790
_cell.length_c   54.310
_cell.angle_alpha   90.000
_cell.angle_beta   101.470
_cell.angle_gamma   90.000
#
_symmetry.space_group_name_H-M   'P 1 21 1'
#
loop_
_entity.id
_entity.type
_entity.pdbx_description
1 polymer 'Serine/threonine-protein kinase Chk1'
2 non-polymer 3-[4-(morpholin-4-yl)-7H-pyrrolo[2,3-d]pyrimidin-5-yl]benzonitrile
3 non-polymer 'CHLORIDE ION'
4 water water
#
_entity_poly.entity_id   1
_entity_poly.type   'polypeptide(L)'
_entity_poly.pdbx_seq_one_letter_code
;MAVPFVEDWDLVQTLGEGAYGEVQLAVNRVTEEAVAVKIVDMKRAVDCPENIKKEICILKMLNHENVIKFYGHRREGNIQ
YLFMELASGGSLFDRIEPDIGMPEPDAQRFFHQLMAGVVYLHGIGITHRDIKPHNLLLDERDNLKIADYSLATVFRYNNR
ERLLNKMCGTLPYVAPELLKRREFHAEPVDVWSCGIVLTAMLAGELPWDQPSDSCQEYSDWKEKKTYLNPWKKIDSAPLA
LLHKILVENPSARITIPDIKKDRWYNKPLKKGAKRPRVTSGGVSESPSGHHHHHHHH
;
_entity_poly.pdbx_strand_id   A
#
loop_
_chem_comp.id
_chem_comp.type
_chem_comp.name
_chem_comp.formula
3FE non-polymer 3-[4-(morpholin-4-yl)-7H-pyrrolo[2,3-d]pyrimidin-5-yl]benzonitrile 'C17 H15 N5 O'
CL non-polymer 'CHLORIDE ION' 'Cl -1'
#
# COMPACT_ATOMS: atom_id res chain seq x y z
N PRO A 4 29.30 -0.87 -9.61
CA PRO A 4 28.59 -0.72 -10.88
C PRO A 4 27.95 0.67 -11.03
N PHE A 5 27.48 0.97 -12.22
CA PHE A 5 27.07 2.34 -12.57
C PHE A 5 26.25 2.29 -13.85
N VAL A 6 25.44 3.31 -14.13
CA VAL A 6 24.54 3.28 -15.28
C VAL A 6 24.51 4.65 -15.91
N GLU A 7 25.11 4.81 -17.09
CA GLU A 7 25.31 6.14 -17.63
C GLU A 7 25.95 7.02 -16.53
N ASP A 8 25.32 8.16 -16.18
CA ASP A 8 25.88 9.09 -15.17
C ASP A 8 25.75 8.64 -13.69
N TRP A 9 25.00 7.57 -13.41
CA TRP A 9 24.69 7.21 -12.01
C TRP A 9 25.55 6.07 -11.57
N ASP A 10 26.03 6.16 -10.33
CA ASP A 10 26.62 5.04 -9.63
C ASP A 10 25.56 4.32 -8.81
N LEU A 11 25.61 2.98 -8.83
CA LEU A 11 24.84 2.13 -7.91
C LEU A 11 25.62 1.90 -6.59
N VAL A 12 25.41 2.80 -5.67
CA VAL A 12 26.07 2.78 -4.36
C VAL A 12 25.69 1.66 -3.38
N GLN A 13 24.41 1.26 -3.28
CA GLN A 13 23.98 0.23 -2.32
C GLN A 13 22.53 -0.26 -2.49
N THR A 14 22.26 -1.42 -1.89
CA THR A 14 20.96 -2.07 -1.98
C THR A 14 20.04 -1.47 -0.96
N LEU A 15 18.87 -1.01 -1.42
CA LEU A 15 17.83 -0.51 -0.52
C LEU A 15 16.97 -1.68 -0.06
N GLY A 16 16.68 -2.60 -0.98
CA GLY A 16 15.91 -3.78 -0.63
C GLY A 16 15.51 -4.46 -1.90
N GLU A 17 14.48 -5.30 -1.80
CA GLU A 17 13.88 -5.99 -2.94
C GLU A 17 12.41 -5.56 -3.00
N GLY A 18 11.97 -5.06 -4.15
CA GLY A 18 10.53 -4.90 -4.40
C GLY A 18 9.85 -6.25 -4.65
N ALA A 19 8.60 -6.22 -5.12
CA ALA A 19 7.90 -7.44 -5.53
C ALA A 19 8.73 -8.26 -6.56
N TYR A 20 9.40 -7.55 -7.48
CA TYR A 20 10.33 -8.18 -8.43
C TYR A 20 11.63 -7.38 -8.50
N GLY A 21 12.74 -8.09 -8.49
CA GLY A 21 14.04 -7.50 -8.67
C GLY A 21 14.54 -6.74 -7.47
N GLU A 22 15.64 -6.03 -7.71
CA GLU A 22 16.38 -5.33 -6.68
C GLU A 22 16.26 -3.82 -6.85
N VAL A 23 16.20 -3.13 -5.72
CA VAL A 23 16.22 -1.69 -5.71
C VAL A 23 17.54 -1.18 -5.09
N GLN A 24 18.28 -0.41 -5.88
CA GLN A 24 19.55 0.17 -5.46
C GLN A 24 19.40 1.69 -5.28
N LEU A 25 20.19 2.24 -4.34
CA LEU A 25 20.41 3.68 -4.27
C LEU A 25 21.38 4.09 -5.37
N ALA A 26 20.90 4.92 -6.29
CA ALA A 26 21.71 5.54 -7.33
C ALA A 26 22.04 7.03 -7.02
N VAL A 27 23.35 7.35 -6.98
CA VAL A 27 23.83 8.72 -6.75
C VAL A 27 24.54 9.22 -8.01
N ASN A 28 24.07 10.32 -8.60
CA ASN A 28 24.70 10.87 -9.77
C ASN A 28 26.07 11.54 -9.39
N ARG A 29 27.18 11.06 -10.00
CA ARG A 29 28.60 11.41 -9.65
C ARG A 29 28.93 12.93 -9.77
N VAL A 30 28.33 13.51 -10.82
CA VAL A 30 28.25 14.96 -11.13
C VAL A 30 27.54 15.76 -10.03
N THR A 31 26.20 15.58 -10.00
CA THR A 31 25.25 16.48 -9.31
C THR A 31 24.97 16.06 -7.88
N GLU A 32 25.36 14.83 -7.53
CA GLU A 32 25.21 14.27 -6.19
C GLU A 32 23.70 13.88 -5.85
N GLU A 33 22.75 14.12 -6.76
CA GLU A 33 21.34 13.72 -6.57
C GLU A 33 21.20 12.19 -6.32
N ALA A 34 20.48 11.82 -5.28
CA ALA A 34 20.23 10.41 -4.99
C ALA A 34 18.77 9.98 -5.41
N VAL A 35 18.65 8.90 -6.15
CA VAL A 35 17.37 8.33 -6.53
C VAL A 35 17.40 6.85 -6.21
N ALA A 36 16.28 6.21 -6.50
CA ALA A 36 16.19 4.74 -6.40
C ALA A 36 16.05 4.18 -7.79
N VAL A 37 16.65 3.00 -7.97
CA VAL A 37 16.61 2.34 -9.26
C VAL A 37 16.23 0.91 -9.01
N LYS A 38 15.17 0.48 -9.67
CA LYS A 38 14.81 -0.93 -9.65
C LYS A 38 15.44 -1.60 -10.87
N ILE A 39 16.13 -2.70 -10.61
CA ILE A 39 16.93 -3.43 -11.59
C ILE A 39 16.23 -4.76 -11.79
N VAL A 40 15.79 -4.97 -13.03
CA VAL A 40 15.07 -6.15 -13.46
C VAL A 40 15.84 -6.85 -14.57
N ASP A 41 16.12 -8.14 -14.38
CA ASP A 41 16.73 -8.99 -15.41
C ASP A 41 15.74 -9.51 -16.48
N MET A 42 15.96 -9.14 -17.76
CA MET A 42 15.23 -9.66 -18.94
C MET A 42 14.00 -8.80 -19.15
N ASN A 51 5.88 -8.26 -19.12
CA ASN A 51 5.05 -7.66 -18.06
C ASN A 51 5.43 -6.23 -17.79
N ILE A 52 6.70 -5.91 -17.94
CA ILE A 52 7.21 -4.63 -17.50
C ILE A 52 6.90 -3.50 -18.50
N LYS A 53 6.48 -3.80 -19.72
CA LYS A 53 5.92 -2.73 -20.56
C LYS A 53 4.69 -2.09 -19.85
N LYS A 54 3.82 -2.93 -19.28
CA LYS A 54 2.63 -2.50 -18.55
C LYS A 54 2.98 -1.66 -17.33
N GLU A 55 3.91 -2.16 -16.54
CA GLU A 55 4.36 -1.46 -15.37
C GLU A 55 4.87 -0.06 -15.70
N ILE A 56 5.74 0.08 -16.73
CA ILE A 56 6.33 1.42 -17.08
C ILE A 56 5.21 2.28 -17.50
N CYS A 57 4.29 1.68 -18.20
CA CYS A 57 3.14 2.41 -18.68
C CYS A 57 2.36 2.99 -17.49
N ILE A 58 2.10 2.18 -16.47
CA ILE A 58 1.41 2.65 -15.27
C ILE A 58 2.29 3.67 -14.52
N LEU A 59 3.58 3.38 -14.35
CA LEU A 59 4.50 4.30 -13.70
C LEU A 59 4.56 5.73 -14.28
N LYS A 60 4.45 5.84 -15.60
CA LYS A 60 4.43 7.14 -16.24
C LYS A 60 3.13 7.88 -16.03
N MET A 61 2.05 7.22 -15.65
CA MET A 61 0.82 7.97 -15.23
C MET A 61 0.95 8.73 -13.91
N LEU A 62 1.90 8.34 -13.05
CA LEU A 62 1.83 8.70 -11.63
C LEU A 62 2.37 10.04 -11.30
N ASN A 63 1.49 10.92 -10.85
CA ASN A 63 1.96 12.19 -10.40
C ASN A 63 1.20 12.72 -9.16
N HIS A 64 1.67 12.33 -7.96
CA HIS A 64 1.00 12.73 -6.75
C HIS A 64 2.00 12.65 -5.62
N GLU A 65 1.87 13.57 -4.70
CA GLU A 65 2.85 13.66 -3.56
C GLU A 65 2.84 12.43 -2.58
N ASN A 66 1.79 11.62 -2.62
CA ASN A 66 1.78 10.36 -1.83
C ASN A 66 1.96 9.08 -2.65
N VAL A 67 2.48 9.22 -3.89
CA VAL A 67 2.85 8.15 -4.78
C VAL A 67 4.32 8.29 -5.20
N ILE A 68 5.08 7.20 -5.15
CA ILE A 68 6.46 7.21 -5.65
C ILE A 68 6.51 7.65 -7.14
N LYS A 69 7.28 8.71 -7.41
CA LYS A 69 7.45 9.30 -8.78
C LYS A 69 8.39 8.48 -9.66
N PHE A 70 7.99 8.29 -10.90
CA PHE A 70 8.81 7.59 -11.86
C PHE A 70 9.59 8.65 -12.61
N TYR A 71 10.92 8.51 -12.65
CA TYR A 71 11.77 9.43 -13.41
C TYR A 71 11.99 8.98 -14.87
N GLY A 72 12.09 7.68 -15.09
CA GLY A 72 12.24 7.13 -16.43
C GLY A 72 13.02 5.84 -16.40
N HIS A 73 13.30 5.28 -17.58
CA HIS A 73 13.91 3.96 -17.69
C HIS A 73 14.97 3.88 -18.79
N ARG A 74 15.87 2.92 -18.63
CA ARG A 74 16.90 2.55 -19.61
C ARG A 74 17.07 1.04 -19.71
N ARG A 75 16.78 0.46 -20.88
CA ARG A 75 17.21 -0.93 -21.20
C ARG A 75 18.74 -0.89 -21.48
N GLU A 76 19.49 -1.79 -20.87
CA GLU A 76 20.93 -1.87 -21.10
C GLU A 76 21.29 -3.34 -21.24
N GLY A 77 20.94 -3.88 -22.40
CA GLY A 77 21.17 -5.28 -22.73
C GLY A 77 20.11 -6.17 -22.10
N ASN A 78 20.50 -6.90 -21.05
CA ASN A 78 19.58 -7.79 -20.29
C ASN A 78 18.73 -7.01 -19.26
N ILE A 79 19.34 -5.95 -18.73
CA ILE A 79 18.91 -5.28 -17.52
C ILE A 79 18.12 -3.98 -17.82
N GLN A 80 16.89 -3.91 -17.28
CA GLN A 80 16.04 -2.70 -17.30
C GLN A 80 16.33 -1.99 -16.01
N TYR A 81 16.36 -0.68 -16.07
CA TYR A 81 16.68 0.17 -14.93
C TYR A 81 15.55 1.17 -14.81
N LEU A 82 14.79 1.09 -13.71
CA LEU A 82 13.59 1.94 -13.55
C LEU A 82 13.93 2.92 -12.47
N PHE A 83 14.04 4.19 -12.87
CA PHE A 83 14.47 5.25 -11.99
C PHE A 83 13.21 5.81 -11.31
N MET A 84 13.31 6.00 -10.00
CA MET A 84 12.16 6.37 -9.13
C MET A 84 12.58 7.21 -7.97
N GLU A 85 11.65 8.00 -7.49
CA GLU A 85 11.87 8.77 -6.28
C GLU A 85 12.46 7.97 -5.15
N LEU A 86 13.41 8.54 -4.45
CA LEU A 86 13.96 7.94 -3.28
C LEU A 86 13.21 8.44 -2.03
N ALA A 87 13.08 7.56 -1.05
CA ALA A 87 12.32 7.89 0.17
C ALA A 87 13.27 7.55 1.30
N SER A 88 13.82 8.59 1.87
CA SER A 88 14.99 8.41 2.74
C SER A 88 14.61 8.00 4.14
N GLY A 89 13.31 8.09 4.43
CA GLY A 89 12.75 7.65 5.70
C GLY A 89 12.52 6.17 5.90
N GLY A 90 12.72 5.36 4.86
CA GLY A 90 12.53 3.91 4.96
C GLY A 90 11.04 3.59 4.86
N SER A 91 10.61 2.46 5.37
CA SER A 91 9.20 2.09 5.26
C SER A 91 8.42 2.29 6.52
N LEU A 92 7.11 2.26 6.36
CA LEU A 92 6.19 2.26 7.47
C LEU A 92 6.36 1.04 8.25
N PHE A 93 6.75 -0.06 7.61
CA PHE A 93 7.01 -1.29 8.39
C PHE A 93 7.92 -1.02 9.64
N ASP A 94 8.92 -0.17 9.43
CA ASP A 94 9.95 0.08 10.45
C ASP A 94 9.48 0.99 11.53
N ARG A 95 8.33 1.63 11.38
CA ARG A 95 7.75 2.48 12.42
C ARG A 95 6.73 1.82 13.25
N ILE A 96 6.44 0.56 12.96
CA ILE A 96 5.47 -0.15 13.73
C ILE A 96 6.20 -1.02 14.76
N GLU A 97 6.02 -0.74 16.04
CA GLU A 97 6.64 -1.55 17.08
C GLU A 97 5.80 -2.81 17.32
N PRO A 98 6.42 -4.00 17.29
CA PRO A 98 5.55 -5.22 17.40
C PRO A 98 4.84 -5.26 18.73
N ASP A 99 3.56 -5.65 18.68
CA ASP A 99 2.67 -5.69 19.78
C ASP A 99 2.17 -4.41 20.34
N ILE A 100 2.65 -3.29 19.81
CA ILE A 100 2.34 -1.96 20.33
C ILE A 100 1.71 -1.07 19.21
N GLY A 101 2.37 -1.02 18.07
CA GLY A 101 1.93 -0.15 16.97
C GLY A 101 2.70 1.16 16.98
N MET A 102 1.96 2.26 17.03
CA MET A 102 2.58 3.56 17.07
C MET A 102 1.60 4.49 17.71
N PRO A 103 2.05 5.70 18.00
CA PRO A 103 1.07 6.64 18.61
C PRO A 103 -0.08 6.96 17.65
N GLU A 104 -1.27 7.04 18.17
CA GLU A 104 -2.49 7.17 17.40
C GLU A 104 -2.45 8.40 16.49
N PRO A 105 -1.91 9.52 16.98
CA PRO A 105 -1.83 10.67 16.07
C PRO A 105 -0.91 10.41 14.84
N ASP A 106 0.18 9.67 15.04
CA ASP A 106 1.06 9.32 13.93
C ASP A 106 0.34 8.38 12.91
N ALA A 107 -0.32 7.37 13.48
CA ALA A 107 -1.17 6.50 12.68
C ALA A 107 -2.19 7.28 11.89
N GLN A 108 -2.88 8.21 12.53
CA GLN A 108 -3.92 8.94 11.83
C GLN A 108 -3.34 9.75 10.66
N ARG A 109 -2.19 10.34 10.88
CA ARG A 109 -1.55 11.17 9.89
C ARG A 109 -1.15 10.28 8.70
N PHE A 110 -0.56 9.13 9.01
CA PHE A 110 -0.17 8.25 7.90
C PHE A 110 -1.41 7.73 7.17
N PHE A 111 -2.49 7.41 7.93
CA PHE A 111 -3.74 6.98 7.30
C PHE A 111 -4.33 8.03 6.34
N HIS A 112 -4.34 9.31 6.77
CA HIS A 112 -4.75 10.37 5.90
C HIS A 112 -3.94 10.38 4.61
N GLN A 113 -2.61 10.25 4.70
CA GLN A 113 -1.78 10.27 3.52
C GLN A 113 -2.00 9.08 2.65
N LEU A 114 -2.22 7.93 3.27
CA LEU A 114 -2.48 6.70 2.49
C LEU A 114 -3.72 6.86 1.71
N MET A 115 -4.76 7.43 2.34
CA MET A 115 -6.03 7.61 1.63
C MET A 115 -5.89 8.62 0.46
N ALA A 116 -5.10 9.65 0.69
CA ALA A 116 -4.87 10.65 -0.35
C ALA A 116 -4.22 9.93 -1.56
N GLY A 117 -3.25 9.07 -1.31
CA GLY A 117 -2.63 8.29 -2.39
C GLY A 117 -3.56 7.34 -3.08
N VAL A 118 -4.36 6.62 -2.27
CA VAL A 118 -5.31 5.66 -2.84
C VAL A 118 -6.38 6.35 -3.65
N VAL A 119 -6.93 7.41 -3.12
CA VAL A 119 -7.90 8.20 -3.94
C VAL A 119 -7.32 8.66 -5.24
N TYR A 120 -6.08 9.13 -5.22
CA TYR A 120 -5.43 9.54 -6.45
C TYR A 120 -5.35 8.39 -7.50
N LEU A 121 -4.88 7.24 -7.04
CA LEU A 121 -4.73 6.09 -7.92
C LEU A 121 -6.04 5.69 -8.46
N HIS A 122 -7.04 5.52 -7.60
CA HIS A 122 -8.34 5.15 -8.02
C HIS A 122 -8.94 6.17 -9.00
N GLY A 123 -8.63 7.42 -8.79
CA GLY A 123 -9.16 8.47 -9.68
C GLY A 123 -8.59 8.39 -11.11
N ILE A 124 -7.39 7.85 -11.29
CA ILE A 124 -6.78 7.59 -12.60
C ILE A 124 -7.05 6.20 -13.13
N GLY A 125 -7.84 5.45 -12.40
CA GLY A 125 -8.27 4.15 -12.80
C GLY A 125 -7.28 3.04 -12.54
N ILE A 126 -6.36 3.25 -11.58
CA ILE A 126 -5.37 2.29 -11.21
C ILE A 126 -5.69 1.69 -9.83
N THR A 127 -5.59 0.36 -9.72
CA THR A 127 -5.59 -0.29 -8.41
C THR A 127 -4.19 -0.83 -8.11
N HIS A 128 -3.71 -0.66 -6.87
CA HIS A 128 -2.40 -1.05 -6.46
C HIS A 128 -2.30 -2.59 -6.26
N ARG A 129 -3.28 -3.16 -5.56
CA ARG A 129 -3.45 -4.57 -5.32
C ARG A 129 -2.48 -5.23 -4.32
N ASP A 130 -1.55 -4.48 -3.74
CA ASP A 130 -0.68 -4.98 -2.70
C ASP A 130 -0.27 -3.92 -1.71
N ILE A 131 -1.26 -3.26 -1.15
CA ILE A 131 -1.02 -2.31 -0.07
C ILE A 131 -0.69 -3.05 1.23
N LYS A 132 0.46 -2.69 1.79
CA LYS A 132 0.95 -3.23 3.04
C LYS A 132 2.15 -2.36 3.43
N PRO A 133 2.59 -2.41 4.69
CA PRO A 133 3.63 -1.50 5.25
C PRO A 133 4.97 -1.51 4.55
N HIS A 134 5.40 -2.64 4.03
CA HIS A 134 6.59 -2.64 3.14
C HIS A 134 6.52 -1.80 1.90
N ASN A 135 5.32 -1.63 1.34
CA ASN A 135 5.16 -0.78 0.16
C ASN A 135 4.80 0.67 0.46
N LEU A 136 4.81 1.04 1.72
CA LEU A 136 4.48 2.38 2.10
C LEU A 136 5.73 3.00 2.68
N LEU A 137 6.31 3.90 1.92
CA LEU A 137 7.66 4.47 2.23
C LEU A 137 7.49 5.89 2.77
N LEU A 138 8.50 6.34 3.52
CA LEU A 138 8.51 7.64 4.14
C LEU A 138 9.66 8.49 3.56
N ASP A 139 9.36 9.74 3.23
CA ASP A 139 10.41 10.69 2.74
C ASP A 139 11.03 11.28 3.99
N GLU A 140 11.99 12.21 3.85
CA GLU A 140 12.72 12.83 5.02
C GLU A 140 11.83 13.59 6.01
N ARG A 141 10.70 14.09 5.54
CA ARG A 141 9.66 14.70 6.38
C ARG A 141 8.57 13.69 6.90
N ASP A 142 8.79 12.38 6.76
CA ASP A 142 7.78 11.36 7.12
C ASP A 142 6.45 11.48 6.36
N ASN A 143 6.55 11.91 5.13
CA ASN A 143 5.43 11.85 4.23
C ASN A 143 5.44 10.45 3.59
N LEU A 144 4.26 9.90 3.49
CA LEU A 144 4.05 8.56 3.04
C LEU A 144 3.96 8.54 1.52
N LYS A 145 4.54 7.52 0.90
CA LYS A 145 4.50 7.38 -0.54
C LYS A 145 4.20 5.91 -0.80
N ILE A 146 3.26 5.67 -1.68
CA ILE A 146 2.86 4.31 -2.08
C ILE A 146 3.80 3.89 -3.27
N ALA A 147 4.53 2.82 -3.04
CA ALA A 147 5.51 2.26 -3.93
C ALA A 147 5.08 0.93 -4.49
N ASP A 148 5.75 0.56 -5.59
CA ASP A 148 5.65 -0.76 -6.24
C ASP A 148 4.38 -1.00 -7.04
N TYR A 149 4.49 -0.85 -8.38
CA TYR A 149 3.39 -0.90 -9.31
C TYR A 149 3.53 -2.14 -10.21
N SER A 150 4.30 -3.11 -9.72
CA SER A 150 4.45 -4.37 -10.42
C SER A 150 3.17 -5.25 -10.37
N LEU A 151 2.31 -5.10 -9.36
CA LEU A 151 0.99 -5.78 -9.38
C LEU A 151 -0.20 -4.91 -9.73
N ALA A 152 0.09 -3.64 -10.00
CA ALA A 152 -0.94 -2.68 -10.26
C ALA A 152 -1.61 -2.94 -11.58
N THR A 153 -2.85 -2.54 -11.72
CA THR A 153 -3.55 -2.70 -13.00
C THR A 153 -4.65 -1.66 -13.18
N VAL A 154 -5.10 -1.51 -14.42
CA VAL A 154 -6.19 -0.60 -14.77
C VAL A 154 -7.48 -1.27 -14.45
N PHE A 155 -8.31 -0.63 -13.64
CA PHE A 155 -9.63 -1.13 -13.46
C PHE A 155 -10.70 -0.26 -14.07
N ARG A 156 -10.34 0.91 -14.53
CA ARG A 156 -11.31 1.80 -15.18
C ARG A 156 -10.63 2.44 -16.36
N TYR A 157 -11.27 2.36 -17.54
CA TYR A 157 -10.71 2.98 -18.74
C TYR A 157 -11.83 3.48 -19.64
N ASN A 158 -11.71 4.69 -20.16
CA ASN A 158 -12.85 5.35 -20.85
C ASN A 158 -14.14 5.35 -20.06
N ASN A 159 -13.96 5.57 -18.75
CA ASN A 159 -15.06 5.62 -17.82
C ASN A 159 -15.84 4.32 -17.66
N ARG A 160 -15.25 3.21 -18.04
CA ARG A 160 -15.89 1.93 -17.86
C ARG A 160 -15.04 1.11 -16.89
N GLU A 161 -15.69 0.61 -15.87
CA GLU A 161 -15.01 -0.17 -14.84
C GLU A 161 -14.90 -1.60 -15.37
N ARG A 162 -13.81 -2.29 -15.13
CA ARG A 162 -13.69 -3.73 -15.36
C ARG A 162 -13.51 -4.40 -14.05
N LEU A 163 -14.23 -5.48 -13.82
CA LEU A 163 -13.98 -6.31 -12.64
C LEU A 163 -12.69 -7.04 -12.77
N LEU A 164 -12.07 -7.39 -11.66
CA LEU A 164 -10.82 -8.14 -11.69
C LEU A 164 -11.14 -9.62 -11.41
N ASN A 165 -10.27 -10.50 -11.85
CA ASN A 165 -10.29 -11.92 -11.44
C ASN A 165 -8.93 -12.50 -10.96
N LYS A 166 -7.82 -11.86 -11.25
CA LYS A 166 -6.54 -12.37 -10.84
C LYS A 166 -6.43 -12.32 -9.32
N MET A 167 -6.02 -13.44 -8.72
CA MET A 167 -5.69 -13.45 -7.30
C MET A 167 -4.26 -12.96 -7.17
N CYS A 168 -4.08 -11.90 -6.39
CA CYS A 168 -2.76 -11.45 -6.03
C CYS A 168 -2.82 -10.57 -4.79
N GLY A 169 -1.66 -10.23 -4.29
CA GLY A 169 -1.54 -9.50 -3.04
C GLY A 169 -0.84 -10.38 -2.03
N THR A 170 -1.14 -10.12 -0.76
CA THR A 170 -0.44 -10.76 0.34
C THR A 170 -1.45 -11.21 1.29
N LEU A 171 -1.51 -12.52 1.63
CA LEU A 171 -2.72 -13.05 2.34
C LEU A 171 -3.29 -12.31 3.54
N PRO A 172 -2.42 -11.87 4.48
CA PRO A 172 -3.02 -11.21 5.59
C PRO A 172 -3.70 -9.84 5.31
N TYR A 173 -3.37 -9.28 4.17
CA TYR A 173 -3.88 -8.03 3.68
C TYR A 173 -4.96 -8.12 2.67
N VAL A 174 -5.25 -9.32 2.18
CA VAL A 174 -6.12 -9.43 1.06
C VAL A 174 -7.60 -9.52 1.54
N ALA A 175 -8.51 -8.97 0.74
CA ALA A 175 -9.92 -8.94 1.07
C ALA A 175 -10.55 -10.31 0.83
N PRO A 176 -11.58 -10.60 1.57
CA PRO A 176 -12.12 -11.97 1.52
C PRO A 176 -12.78 -12.33 0.18
N GLU A 177 -13.30 -11.34 -0.56
CA GLU A 177 -13.91 -11.63 -1.85
C GLU A 177 -12.91 -12.16 -2.87
N LEU A 178 -11.65 -11.79 -2.71
CA LEU A 178 -10.65 -12.22 -3.63
C LEU A 178 -10.40 -13.74 -3.49
N LEU A 179 -10.57 -14.26 -2.28
CA LEU A 179 -10.50 -15.70 -2.07
C LEU A 179 -11.79 -16.45 -2.44
N LYS A 180 -12.91 -15.74 -2.51
CA LYS A 180 -14.23 -16.35 -2.64
C LYS A 180 -14.96 -16.11 -3.95
N ARG A 181 -14.60 -15.11 -4.74
CA ARG A 181 -15.44 -14.70 -5.88
C ARG A 181 -14.65 -14.85 -7.10
N ARG A 182 -15.31 -15.21 -8.20
CA ARG A 182 -14.64 -15.39 -9.48
C ARG A 182 -14.22 -14.03 -10.01
N GLU A 183 -15.06 -13.02 -9.76
CA GLU A 183 -14.70 -11.66 -10.17
C GLU A 183 -15.15 -10.72 -9.08
N PHE A 184 -14.44 -9.60 -9.00
CA PHE A 184 -14.71 -8.64 -7.91
C PHE A 184 -14.25 -7.23 -8.34
N HIS A 185 -14.88 -6.25 -7.71
CA HIS A 185 -14.48 -4.86 -7.81
C HIS A 185 -13.12 -4.56 -7.19
N ALA A 186 -12.37 -3.69 -7.85
CA ALA A 186 -11.00 -3.37 -7.44
C ALA A 186 -10.93 -2.50 -6.22
N GLU A 187 -11.75 -1.42 -6.19
CA GLU A 187 -11.61 -0.44 -5.18
C GLU A 187 -11.83 -0.97 -3.74
N PRO A 188 -12.89 -1.77 -3.50
CA PRO A 188 -13.03 -2.27 -2.13
C PRO A 188 -11.88 -3.17 -1.66
N VAL A 189 -11.15 -3.78 -2.55
CA VAL A 189 -10.00 -4.59 -2.19
C VAL A 189 -8.89 -3.74 -1.63
N ASP A 190 -8.59 -2.62 -2.27
CA ASP A 190 -7.57 -1.72 -1.80
C ASP A 190 -8.02 -1.04 -0.48
N VAL A 191 -9.33 -0.78 -0.33
CA VAL A 191 -9.84 -0.24 0.92
C VAL A 191 -9.59 -1.20 2.09
N TRP A 192 -9.91 -2.47 1.88
CA TRP A 192 -9.70 -3.52 2.88
C TRP A 192 -8.28 -3.52 3.39
N SER A 193 -7.34 -3.59 2.45
CA SER A 193 -5.93 -3.65 2.78
C SER A 193 -5.45 -2.41 3.57
N CYS A 194 -5.92 -1.25 3.20
CA CYS A 194 -5.78 -0.04 4.07
C CYS A 194 -6.32 -0.20 5.50
N GLY A 195 -7.46 -0.91 5.72
CA GLY A 195 -7.90 -1.27 7.02
C GLY A 195 -6.96 -2.21 7.80
N ILE A 196 -6.35 -3.14 7.11
CA ILE A 196 -5.40 -4.06 7.82
C ILE A 196 -4.15 -3.24 8.13
N VAL A 197 -3.76 -2.33 7.24
CA VAL A 197 -2.60 -1.45 7.58
C VAL A 197 -2.93 -0.61 8.81
N LEU A 198 -4.15 -0.09 8.86
CA LEU A 198 -4.54 0.70 10.05
C LEU A 198 -4.46 -0.12 11.34
N THR A 199 -4.95 -1.34 11.28
CA THR A 199 -4.87 -2.21 12.45
C THR A 199 -3.43 -2.46 12.92
N ALA A 200 -2.54 -2.77 11.95
CA ALA A 200 -1.12 -2.96 12.21
C ALA A 200 -0.53 -1.71 12.84
N MET A 201 -0.85 -0.52 12.35
CA MET A 201 -0.35 0.68 13.01
C MET A 201 -0.84 0.88 14.43
N LEU A 202 -2.07 0.51 14.72
CA LEU A 202 -2.64 0.78 16.01
C LEU A 202 -2.43 -0.34 17.05
N ALA A 203 -2.03 -1.49 16.58
CA ALA A 203 -1.89 -2.67 17.47
C ALA A 203 -0.54 -3.42 17.34
N GLY A 204 0.25 -3.10 16.30
CA GLY A 204 1.53 -3.75 15.93
C GLY A 204 1.39 -5.26 15.77
N GLU A 205 0.25 -5.70 15.24
CA GLU A 205 0.00 -7.10 14.95
C GLU A 205 -1.10 -7.17 13.95
N LEU A 206 -1.00 -8.16 13.09
CA LEU A 206 -1.99 -8.46 12.08
C LEU A 206 -3.14 -9.31 12.63
N PRO A 207 -4.37 -9.04 12.21
CA PRO A 207 -5.39 -9.72 12.91
C PRO A 207 -5.61 -11.16 12.54
N TRP A 208 -5.19 -11.61 11.37
CA TRP A 208 -5.47 -12.99 10.96
C TRP A 208 -4.57 -13.34 9.86
N ASP A 209 -4.33 -14.63 9.71
CA ASP A 209 -3.48 -15.13 8.63
C ASP A 209 -4.13 -14.94 7.26
N GLN A 210 -5.46 -14.97 7.25
CA GLN A 210 -6.20 -14.74 5.99
C GLN A 210 -7.63 -14.67 6.31
N PRO A 211 -8.42 -14.00 5.46
CA PRO A 211 -9.77 -13.75 5.84
C PRO A 211 -10.67 -14.85 5.27
N SER A 212 -10.47 -16.06 5.75
CA SER A 212 -11.25 -17.21 5.27
C SER A 212 -12.08 -17.79 6.41
N ASP A 213 -13.20 -18.43 6.06
CA ASP A 213 -14.11 -19.05 7.06
C ASP A 213 -13.38 -20.04 8.02
N SER A 214 -12.33 -20.70 7.52
CA SER A 214 -11.42 -21.57 8.28
C SER A 214 -10.39 -20.93 9.20
N CYS A 215 -10.36 -19.59 9.25
CA CYS A 215 -9.39 -18.89 10.06
C CYS A 215 -10.15 -18.45 11.28
N GLN A 216 -9.73 -18.94 12.46
CA GLN A 216 -10.47 -18.71 13.69
C GLN A 216 -10.51 -17.23 14.03
N GLU A 217 -9.37 -16.54 13.90
CA GLU A 217 -9.32 -15.10 14.27
C GLU A 217 -10.25 -14.26 13.35
N TYR A 218 -10.36 -14.66 12.10
CA TYR A 218 -11.29 -13.99 11.19
C TYR A 218 -12.70 -14.28 11.64
N SER A 219 -13.02 -15.55 11.96
CA SER A 219 -14.38 -15.82 12.54
C SER A 219 -14.67 -15.06 13.76
N ASP A 220 -13.70 -14.95 14.65
CA ASP A 220 -13.92 -14.20 15.89
C ASP A 220 -14.33 -12.74 15.63
N TRP A 221 -13.67 -12.13 14.63
CA TRP A 221 -13.98 -10.74 14.22
C TRP A 221 -15.37 -10.64 13.66
N LYS A 222 -15.75 -11.61 12.87
CA LYS A 222 -17.11 -11.59 12.32
C LYS A 222 -18.14 -11.78 13.42
N GLU A 223 -17.80 -12.52 14.46
CA GLU A 223 -18.65 -12.60 15.65
C GLU A 223 -18.50 -11.44 16.65
N LYS A 224 -17.68 -10.44 16.31
CA LYS A 224 -17.51 -9.24 17.12
C LYS A 224 -16.88 -9.46 18.44
N LYS A 225 -15.94 -10.39 18.50
CA LYS A 225 -15.22 -10.60 19.75
C LYS A 225 -14.04 -9.61 19.90
N THR A 226 -14.35 -8.35 20.11
CA THR A 226 -13.33 -7.33 20.14
C THR A 226 -12.72 -7.13 21.50
N TYR A 227 -13.03 -8.06 22.41
CA TYR A 227 -12.34 -8.16 23.68
C TYR A 227 -11.12 -8.93 23.51
N LEU A 228 -10.95 -9.59 22.36
CA LEU A 228 -9.64 -10.17 21.99
C LEU A 228 -8.71 -9.18 21.27
N ASN A 229 -7.43 -9.55 21.25
CA ASN A 229 -6.40 -8.92 20.49
C ASN A 229 -6.58 -9.23 19.01
N PRO A 230 -6.29 -8.28 18.08
CA PRO A 230 -5.65 -6.98 18.37
C PRO A 230 -6.60 -5.89 18.75
N TRP A 231 -7.90 -6.18 18.69
CA TRP A 231 -8.92 -5.19 18.80
C TRP A 231 -8.94 -4.54 20.17
N LYS A 232 -8.66 -5.32 21.22
CA LYS A 232 -8.67 -4.72 22.55
C LYS A 232 -7.59 -3.65 22.77
N LYS A 233 -6.53 -3.62 21.96
CA LYS A 233 -5.54 -2.54 22.06
C LYS A 233 -5.94 -1.23 21.36
N ILE A 234 -7.08 -1.22 20.70
CA ILE A 234 -7.40 -0.09 19.82
C ILE A 234 -8.54 0.64 20.46
N ASP A 235 -8.46 1.95 20.45
CA ASP A 235 -9.49 2.79 21.03
C ASP A 235 -10.79 2.66 20.24
N SER A 236 -11.89 2.98 20.90
CA SER A 236 -13.21 2.77 20.36
C SER A 236 -13.44 3.60 19.08
N ALA A 237 -12.86 4.79 18.96
CA ALA A 237 -13.09 5.59 17.77
C ALA A 237 -12.41 4.95 16.49
N PRO A 238 -11.11 4.72 16.53
CA PRO A 238 -10.55 4.02 15.35
C PRO A 238 -11.13 2.64 15.10
N LEU A 239 -11.47 1.93 16.20
CA LEU A 239 -12.13 0.63 16.08
C LEU A 239 -13.49 0.69 15.37
N ALA A 240 -14.29 1.72 15.64
CA ALA A 240 -15.52 1.91 14.89
C ALA A 240 -15.24 2.11 13.37
N LEU A 241 -14.12 2.73 12.98
CA LEU A 241 -13.75 2.82 11.59
C LEU A 241 -13.40 1.43 11.00
N LEU A 242 -12.62 0.69 11.76
CA LEU A 242 -12.21 -0.62 11.36
C LEU A 242 -13.46 -1.55 11.21
N HIS A 243 -14.50 -1.37 12.04
CA HIS A 243 -15.77 -2.10 11.85
C HIS A 243 -16.44 -1.77 10.52
N LYS A 244 -16.26 -0.56 10.01
CA LYS A 244 -16.79 -0.20 8.66
C LYS A 244 -15.97 -0.63 7.45
N ILE A 245 -14.67 -0.75 7.66
CA ILE A 245 -13.73 -1.14 6.62
C ILE A 245 -13.65 -2.64 6.45
N LEU A 246 -13.54 -3.34 7.55
CA LEU A 246 -13.28 -4.77 7.48
C LEU A 246 -14.63 -5.53 7.51
N VAL A 247 -15.45 -5.26 6.49
CA VAL A 247 -16.81 -5.72 6.35
C VAL A 247 -16.68 -6.74 5.21
N GLU A 248 -17.19 -7.94 5.46
CA GLU A 248 -16.96 -9.04 4.55
C GLU A 248 -17.57 -8.82 3.15
N ASN A 249 -18.79 -8.32 3.11
CA ASN A 249 -19.47 -8.04 1.83
C ASN A 249 -18.91 -6.74 1.24
N PRO A 250 -18.26 -6.80 0.09
CA PRO A 250 -17.63 -5.57 -0.42
C PRO A 250 -18.58 -4.50 -0.88
N SER A 251 -19.85 -4.87 -1.14
CA SER A 251 -20.83 -3.82 -1.47
C SER A 251 -21.40 -3.13 -0.23
N ALA A 252 -21.29 -3.73 0.94
CA ALA A 252 -21.60 -3.07 2.22
C ALA A 252 -20.35 -2.35 2.84
N ARG A 253 -19.13 -2.64 2.35
CA ARG A 253 -17.92 -2.02 2.88
C ARG A 253 -17.92 -0.52 2.63
N ILE A 254 -17.43 0.24 3.61
CA ILE A 254 -17.30 1.66 3.47
C ILE A 254 -16.45 2.04 2.29
N THR A 255 -16.80 3.15 1.62
CA THR A 255 -15.98 3.67 0.54
C THR A 255 -15.18 4.79 1.06
N ILE A 256 -14.22 5.19 0.29
CA ILE A 256 -13.32 6.27 0.67
C ILE A 256 -14.02 7.62 0.95
N PRO A 257 -14.96 8.05 0.07
CA PRO A 257 -15.80 9.21 0.42
C PRO A 257 -16.37 9.15 1.81
N ASP A 258 -16.89 7.98 2.23
CA ASP A 258 -17.43 7.85 3.54
C ASP A 258 -16.41 7.70 4.66
N ILE A 259 -15.25 7.15 4.36
CA ILE A 259 -14.15 7.15 5.35
C ILE A 259 -13.80 8.56 5.72
N LYS A 260 -13.82 9.43 4.75
CA LYS A 260 -13.43 10.79 4.99
C LYS A 260 -14.40 11.58 5.87
N LYS A 261 -15.59 11.05 6.08
CA LYS A 261 -16.60 11.53 7.02
C LYS A 261 -16.60 10.88 8.38
N ASP A 262 -15.74 9.87 8.59
CA ASP A 262 -15.76 9.09 9.79
C ASP A 262 -15.26 9.94 10.97
N ARG A 263 -15.79 9.65 12.13
CA ARG A 263 -15.50 10.43 13.34
C ARG A 263 -14.03 10.40 13.66
N TRP A 264 -13.44 9.21 13.70
CA TRP A 264 -12.00 9.15 14.07
C TRP A 264 -11.13 9.83 12.99
N TYR A 265 -11.48 9.62 11.71
CA TYR A 265 -10.74 10.23 10.62
C TYR A 265 -10.63 11.74 10.78
N ASN A 266 -11.68 12.32 11.37
CA ASN A 266 -11.76 13.80 11.47
C ASN A 266 -11.42 14.26 12.88
N LYS A 267 -10.95 13.38 13.73
CA LYS A 267 -10.69 13.73 15.13
C LYS A 267 -9.40 14.46 15.28
N PRO A 268 -9.41 15.64 15.90
CA PRO A 268 -8.08 16.31 16.08
C PRO A 268 -7.21 15.55 17.10
N LEU A 269 -5.96 15.25 16.70
CA LEU A 269 -5.07 14.42 17.55
C LEU A 269 -3.69 15.09 17.63
N LYS A 270 -3.00 14.93 18.77
CA LYS A 270 -1.55 15.31 19.09
C LYS A 270 -0.51 15.28 17.96
N3 3FE B . 13.29 4.55 -1.64
C4 3FE B . 10.49 0.61 -5.08
N2 3FE B . 13.63 2.70 -0.37
C7 3FE B . 11.57 2.17 -3.46
C6 3FE B . 10.30 0.22 -2.73
C9 3FE B . 12.59 3.87 -2.56
C13 3FE B . 13.08 0.26 0.50
C8 3FE B . 11.38 3.30 -4.25
N5 3FE B . 9.22 -0.99 -7.83
C16 3FE B . 12.89 -0.35 -1.96
C1 3FE B . 9.50 -0.92 -3.01
C2 3FE B . 9.20 -1.30 -4.32
C3 3FE B . 9.71 -0.51 -5.36
C5 3FE B . 10.86 0.93 -3.80
N1 3FE B . 12.00 4.30 -3.66
C10 3FE B . 12.34 2.53 -2.36
C11 3FE B . 12.89 1.96 -1.21
C12 3FE B . 13.84 4.00 -0.57
N4 3FE B . 12.81 0.65 -0.88
C14 3FE B . 12.53 -1.17 0.74
O1 3FE B . 12.94 -2.09 -0.20
C15 3FE B . 12.58 -1.79 -1.54
C17 3FE B . 9.43 -0.81 -6.72
CL CL C . 2.91 -5.74 11.67
#